data_2IXO
#
_entry.id   2IXO
#
_cell.length_a   53.084
_cell.length_b   94.178
_cell.length_c   139.842
_cell.angle_alpha   90.00
_cell.angle_beta   90.00
_cell.angle_gamma   90.00
#
_symmetry.space_group_name_H-M   'P 21 21 21'
#
loop_
_entity.id
_entity.type
_entity.pdbx_description
1 polymer 'SERINE/THREONINE-PROTEIN PHOSPHATASE 2A ACTIVATOR 1'
2 water water
#
_entity_poly.entity_id   1
_entity_poly.type   'polypeptide(L)'
_entity_poly.pdbx_seq_one_letter_code
;MSLDRVDWPHATFSTPVKRIFDTQTTLDFQSSLAIHRIKYHLHKYTTLISHCSDPDPHATASSIAMVNGLMGVLDKLAHL
IDETPPLPGPRRYGNLACREWHHKLDERLPQWLQEMLPSEYHEVVPELQYYLGNSFGSSTRLDYGTGHELSFMATVAALD
MLGMFPHHRGADVFLLFNKYYTIMRRLILTYTLEPAGSHGVWGLDDHFHLVYILGSSQWQLLDAQAPLQPREILDKSLVR
EYKDTNFYCQGINFINEVKMGPFEEHSPILYDIAVTVPRWSKVCKGLLKMYSVEVEKKFPVVQHFWFGTGFFPWVNIHHH
HHH
;
_entity_poly.pdbx_strand_id   A,B
#
# COMPACT_ATOMS: atom_id res chain seq x y z
N SER A 2 14.29 26.90 1.15
CA SER A 2 13.61 25.72 1.76
C SER A 2 14.23 24.43 1.24
N LEU A 3 14.15 23.37 2.05
CA LEU A 3 14.63 22.06 1.61
C LEU A 3 13.63 21.28 0.77
N ASP A 4 12.34 21.59 0.91
CA ASP A 4 11.36 20.73 0.27
C ASP A 4 10.74 21.32 -0.99
N ARG A 5 10.96 22.60 -1.19
CA ARG A 5 10.42 23.28 -2.35
C ARG A 5 11.41 24.29 -2.86
N VAL A 6 11.38 24.43 -4.16
CA VAL A 6 11.96 25.50 -4.91
C VAL A 6 11.00 26.67 -4.74
N ASP A 7 11.57 27.86 -4.56
CA ASP A 7 10.79 29.08 -4.37
C ASP A 7 10.31 29.53 -5.74
N TRP A 8 9.23 28.91 -6.21
CA TRP A 8 8.63 29.27 -7.50
C TRP A 8 7.74 30.51 -7.25
N PRO A 9 7.79 31.52 -8.14
CA PRO A 9 8.67 31.67 -9.30
C PRO A 9 9.71 32.80 -9.12
N HIS A 10 10.24 32.97 -7.93
CA HIS A 10 11.48 33.76 -7.78
C HIS A 10 12.70 33.01 -8.37
N ALA A 11 12.58 31.70 -8.55
CA ALA A 11 13.71 30.85 -8.89
C ALA A 11 14.10 30.98 -10.35
N THR A 12 15.37 30.66 -10.65
CA THR A 12 15.90 30.69 -12.01
C THR A 12 16.62 29.41 -12.29
N PHE A 13 16.43 28.88 -13.49
CA PHE A 13 16.94 27.60 -13.85
C PHE A 13 17.86 27.83 -15.00
N SER A 14 18.98 27.11 -15.04
CA SER A 14 20.01 27.37 -16.02
C SER A 14 20.80 26.09 -16.06
N THR A 15 21.63 25.94 -17.11
CA THR A 15 22.31 24.69 -17.38
C THR A 15 23.24 24.35 -16.21
N PRO A 16 23.11 23.12 -15.66
CA PRO A 16 24.00 22.65 -14.61
C PRO A 16 25.48 22.58 -15.04
N VAL A 17 26.35 22.83 -14.09
CA VAL A 17 27.76 23.10 -14.37
C VAL A 17 28.59 22.40 -13.27
N LYS A 18 29.84 22.04 -13.58
CA LYS A 18 30.72 21.35 -12.63
C LYS A 18 31.26 22.24 -11.51
N ARG A 19 31.26 21.72 -10.29
CA ARG A 19 31.71 22.50 -9.14
C ARG A 19 32.69 21.78 -8.26
N ILE A 20 32.47 20.48 -8.08
CA ILE A 20 33.40 19.67 -7.29
C ILE A 20 34.57 19.21 -8.14
N PHE A 21 35.76 19.64 -7.75
CA PHE A 21 37.02 19.36 -8.48
C PHE A 21 38.24 19.03 -7.63
N ASP A 22 38.10 19.09 -6.32
CA ASP A 22 39.22 18.94 -5.38
C ASP A 22 38.64 18.67 -4.01
N THR A 23 39.49 18.59 -2.98
CA THR A 23 39.10 18.31 -1.58
C THR A 23 38.28 19.43 -0.91
N GLN A 24 38.80 20.66 -0.93
CA GLN A 24 38.09 21.78 -0.33
C GLN A 24 36.67 21.85 -0.93
N THR A 25 36.58 21.50 -2.20
CA THR A 25 35.34 21.67 -2.86
C THR A 25 34.38 20.51 -2.54
N THR A 26 34.94 19.34 -2.17
CA THR A 26 34.15 18.22 -1.63
C THR A 26 33.50 18.56 -0.28
N LEU A 27 34.18 19.37 0.56
CA LEU A 27 33.52 19.88 1.77
C LEU A 27 32.67 21.11 1.66
N ASP A 28 32.97 22.02 0.74
CA ASP A 28 31.97 23.06 0.45
C ASP A 28 30.60 22.35 0.22
N PHE A 29 30.58 21.33 -0.64
CA PHE A 29 29.43 20.53 -0.88
C PHE A 29 28.76 20.08 0.37
N GLN A 30 29.49 19.87 1.45
CA GLN A 30 28.87 19.22 2.62
C GLN A 30 27.93 20.19 3.35
N SER A 31 28.03 21.45 3.02
CA SER A 31 27.15 22.39 3.65
C SER A 31 26.41 23.25 2.63
N SER A 32 26.09 22.69 1.46
CA SER A 32 25.35 23.43 0.43
C SER A 32 23.87 23.10 0.44
N LEU A 33 23.06 24.06 0.04
CA LEU A 33 21.67 23.83 -0.14
C LEU A 33 21.46 22.54 -0.96
N ALA A 34 22.43 22.20 -1.82
CA ALA A 34 22.28 21.03 -2.71
C ALA A 34 22.23 19.80 -1.85
N ILE A 35 23.25 19.61 -1.02
CA ILE A 35 23.33 18.35 -0.27
C ILE A 35 22.15 18.21 0.69
N HIS A 36 21.71 19.31 1.27
CA HIS A 36 20.60 19.25 2.21
C HIS A 36 19.28 18.91 1.55
N ARG A 37 19.11 19.32 0.29
CA ARG A 37 17.95 18.92 -0.50
C ARG A 37 17.99 17.46 -0.90
N ILE A 38 19.18 16.95 -1.23
CA ILE A 38 19.35 15.54 -1.54
C ILE A 38 18.99 14.69 -0.29
N LYS A 39 19.47 15.12 0.87
CA LYS A 39 19.30 14.38 2.08
C LYS A 39 17.85 14.36 2.55
N TYR A 40 17.22 15.52 2.61
CA TYR A 40 15.78 15.63 2.81
C TYR A 40 14.97 14.59 2.01
N HIS A 41 15.11 14.57 0.68
CA HIS A 41 14.45 13.59 -0.23
C HIS A 41 14.84 12.11 -0.13
N LEU A 42 16.10 11.85 0.19
CA LEU A 42 16.55 10.51 0.49
C LEU A 42 15.77 10.03 1.70
N HIS A 43 15.58 10.89 2.69
CA HIS A 43 14.91 10.45 3.87
C HIS A 43 13.42 10.36 3.67
N LYS A 44 12.89 11.20 2.82
CA LYS A 44 11.46 11.20 2.58
C LYS A 44 11.11 9.91 1.83
N TYR A 45 11.89 9.55 0.83
CA TYR A 45 11.56 8.38 0.03
C TYR A 45 11.71 7.10 0.82
N THR A 46 12.78 7.04 1.61
CA THR A 46 13.03 5.91 2.47
C THR A 46 11.87 5.78 3.46
N THR A 47 11.47 6.87 4.08
CA THR A 47 10.33 6.81 5.00
C THR A 47 9.06 6.42 4.28
N LEU A 48 8.73 7.05 3.14
CA LEU A 48 7.48 6.74 2.43
C LEU A 48 7.42 5.28 2.03
N ILE A 49 8.55 4.71 1.61
CA ILE A 49 8.52 3.35 1.13
C ILE A 49 8.41 2.32 2.24
N SER A 50 8.70 2.69 3.49
CA SER A 50 8.55 1.71 4.56
C SER A 50 7.07 1.41 4.82
N HIS A 51 6.16 2.17 4.21
CA HIS A 51 4.72 1.98 4.41
C HIS A 51 4.27 1.02 3.31
N CYS A 52 5.20 0.54 2.50
CA CYS A 52 4.91 -0.24 1.30
C CYS A 52 5.75 -1.54 1.25
N SER A 53 5.49 -2.42 2.21
CA SER A 53 6.22 -3.68 2.33
C SER A 53 5.80 -4.62 1.24
N ASP A 54 4.67 -4.28 0.61
CA ASP A 54 4.03 -5.20 -0.28
C ASP A 54 3.41 -4.53 -1.52
N PRO A 55 4.26 -3.98 -2.42
CA PRO A 55 3.70 -3.32 -3.59
C PRO A 55 3.06 -4.35 -4.52
N ASP A 56 2.12 -3.91 -5.33
CA ASP A 56 1.51 -4.75 -6.33
C ASP A 56 2.48 -4.87 -7.49
N PRO A 57 2.98 -6.08 -7.75
CA PRO A 57 3.95 -6.15 -8.86
C PRO A 57 3.33 -5.90 -10.27
N HIS A 58 2.01 -5.94 -10.41
CA HIS A 58 1.36 -5.76 -11.74
C HIS A 58 0.95 -4.33 -12.02
N ALA A 59 1.09 -3.44 -11.03
CA ALA A 59 0.69 -2.04 -11.16
C ALA A 59 1.40 -1.29 -12.33
N THR A 60 0.61 -0.58 -13.11
CA THR A 60 1.10 0.11 -14.28
C THR A 60 1.09 1.61 -14.00
N ALA A 61 0.19 2.01 -13.13
CA ALA A 61 -0.12 3.41 -12.95
C ALA A 61 -0.27 3.91 -11.50
N SER A 62 -0.01 5.19 -11.31
CA SER A 62 -0.37 5.86 -10.11
C SER A 62 -1.54 6.80 -10.41
N SER A 63 -2.21 7.27 -9.37
CA SER A 63 -3.24 8.24 -9.64
C SER A 63 -2.63 9.63 -9.53
N ILE A 64 -1.33 9.70 -9.26
CA ILE A 64 -0.59 10.96 -9.43
C ILE A 64 -0.10 11.14 -10.89
N ALA A 65 -0.70 12.12 -11.56
CA ALA A 65 -0.43 12.43 -12.97
C ALA A 65 1.06 12.41 -13.33
N MET A 66 1.89 13.13 -12.57
CA MET A 66 3.31 13.23 -12.96
C MET A 66 4.14 11.96 -12.69
N VAL A 67 3.68 11.05 -11.83
CA VAL A 67 4.34 9.77 -11.84
C VAL A 67 4.10 9.06 -13.18
N ASN A 68 2.85 9.04 -13.60
CA ASN A 68 2.56 8.45 -14.89
C ASN A 68 3.43 9.11 -15.96
N GLY A 69 3.50 10.46 -15.92
CA GLY A 69 4.26 11.25 -16.91
C GLY A 69 5.69 10.74 -17.01
N LEU A 70 6.33 10.67 -15.84
CA LEU A 70 7.71 10.18 -15.75
C LEU A 70 7.88 8.72 -16.17
N MET A 71 6.94 7.86 -15.84
CA MET A 71 6.95 6.47 -16.33
C MET A 71 7.06 6.45 -17.84
N GLY A 72 6.26 7.28 -18.51
CA GLY A 72 6.20 7.37 -19.96
C GLY A 72 7.56 7.78 -20.54
N VAL A 73 8.16 8.81 -19.99
CA VAL A 73 9.48 9.20 -20.46
C VAL A 73 10.46 8.04 -20.28
N LEU A 74 10.38 7.34 -19.17
CA LEU A 74 11.17 6.12 -18.97
C LEU A 74 10.81 5.02 -19.95
N ASP A 75 9.52 4.84 -20.25
CA ASP A 75 9.14 3.91 -21.31
C ASP A 75 9.76 4.29 -22.66
N LYS A 76 9.57 5.53 -23.10
CA LYS A 76 10.27 6.01 -24.30
C LYS A 76 11.79 5.73 -24.36
N LEU A 77 12.51 5.89 -23.24
CA LEU A 77 13.93 5.52 -23.18
C LEU A 77 14.17 4.03 -23.28
N ALA A 78 13.27 3.24 -22.72
CA ALA A 78 13.34 1.78 -22.80
C ALA A 78 13.30 1.27 -24.26
N HIS A 79 12.27 1.63 -25.03
CA HIS A 79 12.16 1.17 -26.43
C HIS A 79 13.33 1.68 -27.27
N LEU A 80 13.99 2.74 -26.79
CA LEU A 80 15.20 3.27 -27.43
C LEU A 80 16.36 2.27 -27.55
N ILE A 81 16.29 1.18 -26.79
CA ILE A 81 17.39 0.23 -26.71
C ILE A 81 17.35 -0.69 -27.91
N ASP A 82 16.22 -1.31 -28.16
CA ASP A 82 16.12 -2.17 -29.31
C ASP A 82 16.05 -1.39 -30.63
N GLU A 83 16.18 -0.06 -30.55
CA GLU A 83 16.51 0.72 -31.74
C GLU A 83 18.02 0.95 -31.84
N THR A 84 18.78 0.50 -30.84
CA THR A 84 20.23 0.77 -30.75
C THR A 84 21.07 -0.47 -30.36
N PRO A 85 21.11 -1.51 -31.24
CA PRO A 85 21.44 -2.87 -30.83
C PRO A 85 22.96 -3.07 -30.71
N PRO A 86 23.39 -3.99 -29.82
CA PRO A 86 24.83 -4.15 -29.49
C PRO A 86 25.71 -4.31 -30.75
N LEU A 87 26.79 -3.53 -30.84
CA LEU A 87 27.72 -3.56 -31.98
C LEU A 87 28.62 -4.78 -31.88
N PRO A 88 30.86 -6.10 -32.27
CA PRO A 88 30.93 -6.48 -30.84
C PRO A 88 31.98 -5.71 -30.03
N GLY A 89 32.39 -6.24 -28.87
CA GLY A 89 33.41 -5.63 -27.96
C GLY A 89 33.66 -6.40 -26.66
N TYR A 93 34.90 -4.78 -21.10
CA TYR A 93 34.62 -3.39 -21.51
C TYR A 93 33.21 -3.14 -22.06
N GLY A 94 32.72 -1.91 -21.83
CA GLY A 94 31.38 -1.51 -22.23
C GLY A 94 31.21 -1.60 -23.73
N ASN A 95 29.99 -1.81 -24.20
CA ASN A 95 29.79 -1.88 -25.63
C ASN A 95 29.56 -0.48 -26.23
N LEU A 96 29.73 -0.32 -27.54
CA LEU A 96 29.79 1.00 -28.13
C LEU A 96 28.47 1.51 -28.72
N ALA A 97 27.54 0.61 -29.01
CA ALA A 97 26.14 0.97 -29.29
C ALA A 97 25.57 1.90 -28.19
N CYS A 98 26.17 1.81 -27.02
CA CYS A 98 25.80 2.64 -25.90
C CYS A 98 25.98 4.15 -26.19
N ARG A 99 27.13 4.50 -26.76
CA ARG A 99 27.40 5.87 -27.19
C ARG A 99 26.26 6.38 -28.05
N GLU A 100 25.70 5.48 -28.88
CA GLU A 100 24.66 5.84 -29.87
C GLU A 100 23.36 6.01 -29.11
N TRP A 101 23.12 5.06 -28.19
CA TRP A 101 21.95 5.08 -27.33
C TRP A 101 21.88 6.41 -26.59
N HIS A 102 22.94 6.74 -25.86
CA HIS A 102 23.05 8.00 -25.15
C HIS A 102 22.85 9.23 -26.03
N HIS A 103 23.20 9.08 -27.31
CA HIS A 103 23.20 10.18 -28.28
C HIS A 103 21.76 10.34 -28.75
N LYS A 104 21.10 9.24 -29.11
CA LYS A 104 19.67 9.27 -29.35
C LYS A 104 18.90 9.84 -28.14
N LEU A 105 19.17 9.31 -26.94
CA LEU A 105 18.68 9.84 -25.66
C LEU A 105 18.86 11.35 -25.59
N ASP A 106 20.10 11.82 -25.71
CA ASP A 106 20.39 13.25 -25.53
C ASP A 106 19.69 14.15 -26.54
N GLU A 107 19.38 13.59 -27.70
CA GLU A 107 18.74 14.31 -28.78
C GLU A 107 17.25 14.52 -28.49
N ARG A 108 16.55 13.42 -28.20
CA ARG A 108 15.11 13.42 -28.05
C ARG A 108 14.58 13.82 -26.67
N LEU A 109 15.45 13.81 -25.67
CA LEU A 109 14.99 13.94 -24.28
C LEU A 109 14.46 15.31 -23.86
N PRO A 110 15.07 16.40 -24.37
CA PRO A 110 14.43 17.68 -24.06
C PRO A 110 13.02 17.79 -24.63
N GLN A 111 12.79 17.23 -25.82
CA GLN A 111 11.45 17.24 -26.41
C GLN A 111 10.48 16.49 -25.50
N TRP A 112 10.94 15.33 -25.03
CA TRP A 112 10.13 14.47 -24.18
C TRP A 112 9.68 15.11 -22.88
N LEU A 113 10.64 15.77 -22.22
CA LEU A 113 10.38 16.48 -20.98
C LEU A 113 9.50 17.73 -21.13
N GLN A 114 9.46 18.33 -22.34
CA GLN A 114 8.47 19.38 -22.66
C GLN A 114 7.07 18.81 -22.81
N GLU A 115 6.92 17.78 -23.62
CA GLU A 115 5.66 17.04 -23.66
C GLU A 115 5.21 16.64 -22.24
N MET A 116 6.10 16.04 -21.44
CA MET A 116 5.76 15.62 -20.06
C MET A 116 5.29 16.69 -19.07
N LEU A 117 5.82 17.91 -19.18
CA LEU A 117 5.54 19.00 -18.20
C LEU A 117 4.47 20.00 -18.72
N PRO A 118 3.73 20.66 -17.82
CA PRO A 118 2.83 21.68 -18.34
C PRO A 118 3.63 22.88 -18.82
N SER A 119 3.07 23.64 -19.77
CA SER A 119 3.63 24.91 -20.29
C SER A 119 4.33 25.83 -19.32
N GLU A 120 3.72 26.04 -18.15
CA GLU A 120 4.24 26.92 -17.09
C GLU A 120 5.69 26.63 -16.69
N TYR A 121 6.08 25.37 -16.80
CA TYR A 121 7.31 24.89 -16.19
C TYR A 121 8.45 24.59 -17.15
N HIS A 122 8.31 25.01 -18.40
CA HIS A 122 9.23 24.65 -19.45
C HIS A 122 10.69 25.17 -19.33
N GLU A 123 10.90 26.20 -18.54
CA GLU A 123 12.23 26.76 -18.35
C GLU A 123 13.18 25.85 -17.54
N VAL A 124 12.62 24.74 -17.06
CA VAL A 124 13.19 23.91 -16.01
C VAL A 124 13.92 22.78 -16.72
N VAL A 125 13.48 22.54 -17.94
CA VAL A 125 14.09 21.55 -18.82
C VAL A 125 15.64 21.56 -18.91
N PRO A 126 16.32 22.72 -19.07
CA PRO A 126 17.79 22.55 -19.06
C PRO A 126 18.33 21.82 -17.86
N GLU A 127 17.81 22.06 -16.65
CA GLU A 127 18.32 21.40 -15.46
C GLU A 127 17.81 19.95 -15.36
N LEU A 128 16.51 19.74 -15.49
CA LEU A 128 15.97 18.38 -15.52
C LEU A 128 16.59 17.49 -16.58
N GLN A 129 16.91 18.07 -17.73
CA GLN A 129 17.45 17.27 -18.83
C GLN A 129 18.84 16.71 -18.49
N TYR A 130 19.65 17.56 -17.85
CA TYR A 130 20.94 17.15 -17.35
C TYR A 130 20.74 15.99 -16.35
N TYR A 131 19.96 16.22 -15.30
CA TYR A 131 19.76 15.21 -14.23
C TYR A 131 19.21 13.87 -14.69
N LEU A 132 18.21 13.89 -15.56
CA LEU A 132 17.66 12.64 -16.09
C LEU A 132 18.62 12.02 -17.08
N GLY A 133 19.21 12.86 -17.93
CA GLY A 133 20.24 12.44 -18.88
C GLY A 133 21.54 11.86 -18.32
N ASN A 134 21.78 12.06 -17.02
CA ASN A 134 22.98 11.49 -16.38
C ASN A 134 22.61 10.33 -15.42
N SER A 135 21.41 9.77 -15.57
CA SER A 135 20.92 8.76 -14.64
C SER A 135 21.29 7.37 -15.11
N PHE A 136 21.73 7.28 -16.38
CA PHE A 136 21.83 5.99 -17.04
C PHE A 136 23.27 5.56 -17.35
N GLY A 137 24.25 6.21 -16.74
CA GLY A 137 25.65 5.87 -17.00
C GLY A 137 26.43 6.93 -17.77
N SER A 138 27.72 6.63 -18.02
CA SER A 138 28.59 7.61 -18.69
C SER A 138 28.77 7.31 -20.19
N SER A 139 28.62 8.35 -21.02
CA SER A 139 28.80 8.15 -22.47
C SER A 139 30.23 7.82 -22.85
N THR A 140 31.19 8.60 -22.34
CA THR A 140 32.56 8.31 -22.68
C THR A 140 33.05 7.05 -22.01
N ARG A 141 33.10 7.00 -20.67
CA ARG A 141 33.71 5.83 -19.94
C ARG A 141 32.92 4.51 -20.08
N LEU A 142 31.63 4.61 -20.38
CA LEU A 142 30.73 3.45 -20.55
C LEU A 142 30.52 2.64 -19.26
N ASP A 143 30.46 3.35 -18.14
CA ASP A 143 30.25 2.68 -16.86
C ASP A 143 28.99 3.20 -16.14
N TYR A 144 28.53 2.46 -15.12
CA TYR A 144 27.41 2.85 -14.26
C TYR A 144 27.67 2.59 -12.77
N GLY A 145 27.50 3.61 -11.95
CA GLY A 145 27.69 3.49 -10.52
C GLY A 145 26.72 4.35 -9.71
N THR A 146 27.06 4.53 -8.45
CA THR A 146 26.17 5.17 -7.48
C THR A 146 25.90 6.64 -7.73
N GLY A 147 26.72 7.32 -8.52
CA GLY A 147 26.50 8.72 -8.89
C GLY A 147 25.42 8.90 -9.93
N HIS A 148 25.34 7.97 -10.88
CA HIS A 148 24.23 7.97 -11.84
C HIS A 148 22.92 7.69 -11.12
N GLU A 149 22.94 6.76 -10.17
CA GLU A 149 21.74 6.38 -9.41
C GLU A 149 21.25 7.57 -8.64
N LEU A 150 22.19 8.27 -7.99
CA LEU A 150 21.95 9.52 -7.28
C LEU A 150 21.30 10.54 -8.20
N SER A 151 21.64 10.52 -9.47
CA SER A 151 21.15 11.56 -10.33
C SER A 151 19.73 11.22 -10.84
N PHE A 152 19.39 9.95 -10.87
CA PHE A 152 17.99 9.62 -10.99
C PHE A 152 17.15 9.99 -9.75
N MET A 153 17.68 9.80 -8.53
CA MET A 153 17.00 10.35 -7.36
C MET A 153 16.95 11.90 -7.40
N ALA A 154 18.00 12.52 -7.94
CA ALA A 154 18.03 13.96 -8.06
C ALA A 154 16.88 14.41 -8.97
N THR A 155 16.65 13.65 -10.04
CA THR A 155 15.56 13.90 -10.95
C THR A 155 14.22 13.91 -10.25
N VAL A 156 13.89 12.84 -9.54
CA VAL A 156 12.59 12.81 -8.92
C VAL A 156 12.46 13.82 -7.77
N ALA A 157 13.52 14.02 -6.99
CA ALA A 157 13.53 15.11 -6.04
C ALA A 157 13.18 16.42 -6.74
N ALA A 158 13.62 16.61 -7.99
CA ALA A 158 13.43 17.94 -8.54
C ALA A 158 11.95 18.12 -8.93
N LEU A 159 11.36 17.07 -9.49
CA LEU A 159 9.92 17.14 -9.76
C LEU A 159 9.15 17.33 -8.48
N ASP A 160 9.64 16.71 -7.41
CA ASP A 160 8.97 16.81 -6.15
C ASP A 160 9.01 18.25 -5.63
N MET A 161 10.16 18.91 -5.72
CA MET A 161 10.29 20.30 -5.29
C MET A 161 9.40 21.26 -6.08
N LEU A 162 8.97 20.89 -7.27
CA LEU A 162 8.05 21.75 -8.01
C LEU A 162 6.58 21.55 -7.58
N GLY A 163 6.34 20.63 -6.64
CA GLY A 163 5.00 20.33 -6.16
C GLY A 163 4.27 19.38 -7.09
N MET A 164 4.96 18.63 -7.94
CA MET A 164 4.32 17.65 -8.90
C MET A 164 3.83 16.31 -8.29
N PHE A 165 4.26 16.00 -7.05
CA PHE A 165 3.89 14.72 -6.43
C PHE A 165 3.18 14.98 -5.12
N PRO A 166 2.04 15.69 -5.17
CA PRO A 166 1.39 15.90 -3.87
C PRO A 166 0.84 14.56 -3.38
N HIS A 167 1.00 14.25 -2.09
CA HIS A 167 0.54 12.98 -1.46
C HIS A 167 1.19 11.75 -2.11
N HIS A 168 2.39 11.96 -2.64
CA HIS A 168 3.35 10.93 -2.95
C HIS A 168 3.26 9.86 -1.84
N ARG A 169 3.00 8.62 -2.24
CA ARG A 169 2.97 7.43 -1.35
C ARG A 169 4.16 6.44 -1.56
N GLY A 170 4.41 5.56 -0.59
CA GLY A 170 5.44 4.53 -0.77
C GLY A 170 5.32 3.77 -2.10
N ALA A 171 4.12 3.28 -2.37
CA ALA A 171 3.80 2.68 -3.66
C ALA A 171 4.21 3.51 -4.92
N ASP A 172 4.16 4.84 -4.87
CA ASP A 172 4.65 5.64 -6.03
C ASP A 172 6.21 5.65 -6.16
N VAL A 173 6.94 5.73 -5.04
CA VAL A 173 8.39 5.51 -5.14
C VAL A 173 8.79 4.09 -5.55
N PHE A 174 8.02 3.06 -5.18
CA PHE A 174 8.36 1.72 -5.61
C PHE A 174 8.16 1.61 -7.13
N LEU A 175 7.04 2.09 -7.61
CA LEU A 175 6.72 2.02 -9.00
C LEU A 175 7.79 2.73 -9.85
N LEU A 176 8.14 3.98 -9.49
CA LEU A 176 9.10 4.81 -10.21
C LEU A 176 10.44 4.18 -10.23
N PHE A 177 10.93 3.82 -9.05
CA PHE A 177 12.27 3.25 -8.95
C PHE A 177 12.28 1.85 -9.48
N ASN A 178 11.15 1.17 -9.46
CA ASN A 178 11.07 -0.14 -10.05
C ASN A 178 11.20 -0.12 -11.57
N LYS A 179 10.54 0.80 -12.25
CA LYS A 179 10.72 0.92 -13.65
C LYS A 179 12.21 1.25 -13.92
N TYR A 180 12.75 2.18 -13.12
CA TYR A 180 14.14 2.59 -13.31
C TYR A 180 15.15 1.47 -13.18
N TYR A 181 15.00 0.61 -12.18
CA TYR A 181 15.92 -0.50 -12.04
C TYR A 181 15.74 -1.60 -13.08
N THR A 182 14.57 -1.71 -13.66
CA THR A 182 14.38 -2.69 -14.70
C THR A 182 15.10 -2.25 -15.99
N ILE A 183 15.01 -0.95 -16.34
CA ILE A 183 15.82 -0.35 -17.39
C ILE A 183 17.34 -0.51 -17.14
N MET A 184 17.83 -0.12 -15.97
CA MET A 184 19.26 -0.25 -15.66
C MET A 184 19.81 -1.65 -15.84
N ARG A 185 19.09 -2.64 -15.31
CA ARG A 185 19.59 -4.00 -15.42
C ARG A 185 19.61 -4.37 -16.89
N ARG A 186 18.67 -3.82 -17.62
CA ARG A 186 18.53 -4.18 -18.98
C ARG A 186 19.74 -3.66 -19.73
N LEU A 187 20.14 -2.43 -19.42
CA LEU A 187 21.29 -1.77 -20.03
C LEU A 187 22.60 -2.50 -19.74
N ILE A 188 22.90 -2.63 -18.44
CA ILE A 188 24.10 -3.29 -17.96
C ILE A 188 24.37 -4.57 -18.72
N LEU A 189 23.34 -5.38 -18.93
CA LEU A 189 23.45 -6.67 -19.60
C LEU A 189 23.64 -6.49 -21.11
N THR A 190 22.74 -5.72 -21.73
CA THR A 190 22.77 -5.46 -23.15
C THR A 190 24.08 -4.82 -23.57
N TYR A 191 24.47 -3.70 -22.96
CA TYR A 191 25.70 -2.99 -23.40
C TYR A 191 26.87 -3.29 -22.47
N THR A 192 26.85 -4.46 -21.88
CA THR A 192 27.94 -4.89 -21.02
C THR A 192 28.69 -3.73 -20.28
N LEU A 193 27.99 -2.97 -19.45
CA LEU A 193 28.65 -1.81 -18.78
C LEU A 193 29.62 -2.20 -17.65
N GLU A 194 30.70 -1.44 -17.50
CA GLU A 194 31.63 -1.63 -16.38
C GLU A 194 31.15 -0.96 -15.05
N PRO A 195 31.48 -1.60 -13.91
CA PRO A 195 31.48 -0.92 -12.62
C PRO A 195 32.23 0.42 -12.70
N ALA A 196 31.62 1.48 -12.17
CA ALA A 196 32.24 2.81 -12.25
C ALA A 196 33.52 2.91 -11.46
N GLY A 203 33.61 -1.96 -2.10
CA GLY A 203 32.30 -1.57 -2.60
C GLY A 203 31.16 -2.53 -2.18
N LEU A 204 29.97 -1.97 -2.01
CA LEU A 204 28.86 -2.68 -1.40
C LEU A 204 28.24 -3.60 -2.43
N ASP A 205 28.21 -3.08 -3.66
CA ASP A 205 27.60 -3.66 -4.88
C ASP A 205 28.37 -3.01 -6.07
N ASP A 206 28.62 -3.74 -7.17
CA ASP A 206 29.34 -3.14 -8.29
C ASP A 206 28.68 -1.88 -8.85
N HIS A 207 27.35 -1.78 -8.80
CA HIS A 207 26.64 -0.69 -9.48
C HIS A 207 25.76 0.23 -8.61
N PHE A 208 25.24 -0.30 -7.49
CA PHE A 208 24.05 0.29 -6.84
C PHE A 208 24.24 0.53 -5.36
N HIS A 209 23.48 1.50 -4.82
CA HIS A 209 23.43 1.71 -3.38
C HIS A 209 22.01 1.98 -2.80
N LEU A 210 21.26 2.91 -3.41
CA LEU A 210 19.82 3.05 -3.09
C LEU A 210 18.90 1.80 -3.12
N VAL A 211 19.06 0.86 -4.07
CA VAL A 211 18.17 -0.31 -4.02
C VAL A 211 18.06 -0.85 -2.59
N TYR A 212 19.22 -0.94 -1.90
CA TYR A 212 19.34 -1.64 -0.61
C TYR A 212 18.84 -0.80 0.54
N ILE A 213 19.02 0.53 0.46
CA ILE A 213 18.37 1.40 1.39
C ILE A 213 16.85 1.23 1.28
N LEU A 214 16.35 1.23 0.05
CA LEU A 214 14.93 1.18 -0.17
C LEU A 214 14.37 -0.21 0.14
N GLY A 215 15.07 -1.27 -0.28
CA GLY A 215 14.60 -2.65 -0.05
C GLY A 215 14.55 -2.99 1.44
N SER A 216 15.57 -2.57 2.21
CA SER A 216 15.55 -2.87 3.64
C SER A 216 14.52 -1.97 4.36
N SER A 217 14.25 -0.80 3.80
CA SER A 217 13.24 0.05 4.40
C SER A 217 11.82 -0.53 4.15
N GLN A 218 11.59 -1.14 2.98
CA GLN A 218 10.27 -1.76 2.73
C GLN A 218 9.87 -2.69 3.87
N TRP A 219 10.84 -3.37 4.48
CA TRP A 219 10.59 -4.30 5.58
C TRP A 219 11.05 -3.84 6.96
N GLN A 220 11.49 -2.61 7.15
CA GLN A 220 11.94 -2.22 8.45
C GLN A 220 10.80 -2.07 9.51
N LEU A 221 9.53 -1.94 9.10
CA LEU A 221 8.46 -1.71 10.11
C LEU A 221 7.86 -3.04 10.53
N LEU A 222 8.03 -4.06 9.70
CA LEU A 222 7.54 -5.37 10.06
C LEU A 222 8.60 -6.30 10.64
N ASP A 223 9.77 -5.77 11.04
CA ASP A 223 10.99 -6.57 11.03
C ASP A 223 10.91 -8.04 11.48
N ALA A 224 10.50 -8.32 12.71
CA ALA A 224 10.36 -9.72 13.11
C ALA A 224 9.41 -10.54 12.21
N GLN A 225 8.30 -9.96 11.72
CA GLN A 225 7.39 -10.70 10.81
C GLN A 225 7.63 -10.42 9.30
N ALA A 226 8.79 -9.90 8.96
CA ALA A 226 9.17 -9.77 7.55
C ALA A 226 9.14 -11.15 6.94
N PRO A 227 8.76 -11.24 5.65
CA PRO A 227 8.77 -12.55 5.02
C PRO A 227 10.16 -13.19 5.09
N LEU A 228 11.20 -12.34 5.19
CA LEU A 228 12.61 -12.79 5.26
C LEU A 228 13.40 -12.00 6.29
N GLN A 229 14.29 -12.64 7.04
CA GLN A 229 15.23 -11.88 7.90
C GLN A 229 16.52 -11.65 7.14
N PRO A 230 17.33 -10.63 7.52
CA PRO A 230 18.64 -10.37 6.89
C PRO A 230 19.48 -11.60 6.59
N ARG A 231 19.66 -12.55 7.53
CA ARG A 231 20.45 -13.77 7.20
C ARG A 231 19.89 -14.65 6.06
N GLU A 232 18.60 -14.54 5.80
CA GLU A 232 17.93 -15.35 4.78
C GLU A 232 18.25 -14.91 3.33
N ILE A 233 18.92 -13.77 3.16
CA ILE A 233 19.25 -13.31 1.82
C ILE A 233 20.34 -14.16 1.16
N LEU A 234 21.12 -14.88 1.97
CA LEU A 234 22.15 -15.82 1.45
C LEU A 234 21.53 -17.03 0.70
N ASP A 235 20.21 -17.17 0.81
CA ASP A 235 19.49 -18.24 0.13
C ASP A 235 18.99 -17.83 -1.25
N LYS A 236 19.53 -18.48 -2.29
CA LYS A 236 19.31 -18.04 -3.63
C LYS A 236 17.86 -18.06 -4.07
N SER A 237 17.11 -19.08 -3.68
CA SER A 237 15.75 -19.24 -4.20
C SER A 237 14.68 -18.46 -3.44
N LEU A 238 14.86 -18.27 -2.14
CA LEU A 238 13.99 -17.37 -1.37
C LEU A 238 14.02 -15.96 -1.93
N VAL A 239 15.24 -15.51 -2.22
CA VAL A 239 15.51 -14.26 -2.90
C VAL A 239 14.86 -14.14 -4.30
N ARG A 240 14.77 -15.22 -5.10
CA ARG A 240 14.01 -15.23 -6.37
C ARG A 240 12.53 -14.87 -6.15
N GLU A 241 11.93 -15.49 -5.15
CA GLU A 241 10.50 -15.38 -4.90
C GLU A 241 10.05 -13.97 -4.45
N TYR A 242 11.00 -13.17 -4.00
CA TYR A 242 10.68 -11.85 -3.48
C TYR A 242 11.29 -10.74 -4.31
N LYS A 243 11.95 -11.09 -5.40
CA LYS A 243 12.62 -10.10 -6.22
C LYS A 243 11.71 -9.08 -6.94
N ASP A 244 10.47 -9.48 -7.26
CA ASP A 244 9.44 -8.63 -7.90
C ASP A 244 8.78 -7.60 -6.97
N THR A 245 8.90 -7.87 -5.67
CA THR A 245 8.16 -7.17 -4.68
C THR A 245 9.06 -6.49 -3.64
N ASN A 246 10.36 -6.84 -3.62
CA ASN A 246 11.29 -6.23 -2.64
C ASN A 246 12.63 -5.85 -3.27
N PHE A 247 13.00 -4.57 -3.16
CA PHE A 247 14.22 -4.06 -3.82
C PHE A 247 15.49 -4.75 -3.39
N TYR A 248 15.56 -5.10 -2.10
CA TYR A 248 16.75 -5.73 -1.53
C TYR A 248 16.96 -7.07 -2.20
N CYS A 249 15.88 -7.84 -2.37
CA CYS A 249 15.95 -9.15 -3.01
C CYS A 249 16.30 -9.03 -4.45
N GLN A 250 15.80 -7.97 -5.06
CA GLN A 250 15.98 -7.69 -6.46
C GLN A 250 17.44 -7.43 -6.75
N GLY A 251 18.09 -6.55 -5.97
CA GLY A 251 19.54 -6.33 -6.05
C GLY A 251 20.45 -7.56 -5.79
N ILE A 252 20.11 -8.38 -4.80
CA ILE A 252 20.83 -9.63 -4.49
C ILE A 252 20.57 -10.72 -5.57
N ASN A 253 19.32 -10.76 -6.06
CA ASN A 253 19.04 -11.68 -7.13
C ASN A 253 19.77 -11.32 -8.43
N PHE A 254 19.95 -10.03 -8.72
CA PHE A 254 20.81 -9.62 -9.85
C PHE A 254 22.28 -10.02 -9.65
N ILE A 255 22.77 -9.90 -8.42
CA ILE A 255 24.16 -10.27 -8.17
C ILE A 255 24.30 -11.76 -8.37
N ASN A 256 23.33 -12.55 -7.94
CA ASN A 256 23.43 -14.00 -8.12
C ASN A 256 23.53 -14.37 -9.58
N GLU A 257 22.92 -13.58 -10.46
CA GLU A 257 22.81 -13.96 -11.88
C GLU A 257 23.99 -13.49 -12.71
N VAL A 258 24.71 -12.50 -12.22
CA VAL A 258 25.76 -11.88 -12.98
C VAL A 258 27.17 -12.13 -12.38
N LYS A 259 27.22 -12.82 -11.23
CA LYS A 259 28.47 -13.11 -10.49
C LYS A 259 28.60 -14.56 -10.08
N MET A 260 29.83 -15.10 -10.21
CA MET A 260 30.03 -16.54 -10.19
C MET A 260 30.84 -17.12 -9.03
N GLY A 261 31.41 -16.29 -8.17
CA GLY A 261 32.01 -16.85 -6.93
C GLY A 261 30.93 -17.30 -5.91
N PRO A 262 31.33 -18.02 -4.84
CA PRO A 262 30.43 -18.01 -3.67
C PRO A 262 30.26 -16.59 -3.12
N PHE A 263 29.05 -16.32 -2.61
CA PHE A 263 28.62 -14.99 -2.24
C PHE A 263 29.63 -14.26 -1.35
N GLU A 264 30.12 -14.92 -0.31
CA GLU A 264 31.07 -14.35 0.63
C GLU A 264 32.28 -13.81 -0.11
N GLU A 265 32.72 -14.51 -1.16
CA GLU A 265 33.86 -14.04 -1.97
C GLU A 265 33.56 -12.77 -2.76
N HIS A 266 32.48 -12.70 -3.54
CA HIS A 266 32.27 -11.54 -4.41
C HIS A 266 31.52 -10.32 -3.83
N SER A 267 30.69 -10.53 -2.79
CA SER A 267 30.03 -9.46 -2.07
C SER A 267 30.32 -9.54 -0.59
N PRO A 268 31.60 -9.36 -0.21
CA PRO A 268 31.89 -9.39 1.23
C PRO A 268 31.13 -8.36 2.07
N ILE A 269 30.81 -7.17 1.55
CA ILE A 269 30.13 -6.21 2.45
C ILE A 269 28.70 -6.55 2.70
N LEU A 270 27.94 -6.90 1.67
CA LEU A 270 26.55 -7.39 1.88
C LEU A 270 26.53 -8.66 2.72
N TYR A 271 27.36 -9.62 2.40
CA TYR A 271 27.50 -10.79 3.24
C TYR A 271 27.75 -10.45 4.74
N ASP A 272 28.63 -9.48 5.04
CA ASP A 272 28.96 -9.18 6.43
C ASP A 272 27.85 -8.47 7.12
N ILE A 273 26.90 -7.89 6.38
CA ILE A 273 25.67 -7.29 6.94
C ILE A 273 24.56 -8.31 7.20
N ALA A 274 24.32 -9.17 6.23
CA ALA A 274 23.38 -10.29 6.40
C ALA A 274 23.71 -11.21 7.60
N VAL A 275 24.98 -11.35 7.90
CA VAL A 275 25.46 -12.30 8.88
C VAL A 275 25.52 -11.64 10.26
N THR A 276 25.22 -10.37 10.30
CA THR A 276 25.62 -9.66 11.47
C THR A 276 24.55 -8.68 11.94
N VAL A 277 23.65 -8.27 11.04
CA VAL A 277 22.61 -7.35 11.43
C VAL A 277 21.27 -8.12 11.51
N PRO A 278 20.75 -8.28 12.71
CA PRO A 278 19.53 -9.10 12.81
C PRO A 278 18.21 -8.34 12.47
N ARG A 279 18.20 -7.01 12.47
CA ARG A 279 16.93 -6.27 12.23
C ARG A 279 16.98 -5.36 11.02
N TRP A 280 15.95 -5.43 10.20
CA TRP A 280 15.87 -4.56 9.01
C TRP A 280 15.93 -3.07 9.32
N SER A 281 15.36 -2.61 10.42
CA SER A 281 15.45 -1.19 10.68
C SER A 281 16.90 -0.79 10.91
N LYS A 282 17.70 -1.71 11.43
CA LYS A 282 19.14 -1.46 11.56
C LYS A 282 19.90 -1.52 10.23
N VAL A 283 19.50 -2.41 9.33
CA VAL A 283 20.19 -2.47 8.03
C VAL A 283 20.01 -1.10 7.35
N CYS A 284 18.77 -0.63 7.34
CA CYS A 284 18.41 0.58 6.69
C CYS A 284 19.24 1.73 7.19
N LYS A 285 19.19 1.99 8.51
CA LYS A 285 19.95 3.13 9.05
C LYS A 285 21.45 3.01 8.90
N GLY A 286 22.00 1.82 9.01
CA GLY A 286 23.41 1.60 8.68
C GLY A 286 23.75 1.99 7.26
N LEU A 287 23.04 1.41 6.29
CA LEU A 287 23.14 1.76 4.87
C LEU A 287 22.89 3.24 4.56
N LEU A 288 22.03 3.90 5.34
CA LEU A 288 21.89 5.36 5.20
C LEU A 288 23.16 6.15 5.60
N LYS A 289 23.67 5.88 6.79
CA LYS A 289 24.92 6.47 7.16
C LYS A 289 26.02 6.12 6.15
N MET A 290 26.05 4.91 5.59
CA MET A 290 27.08 4.58 4.60
C MET A 290 26.93 5.43 3.36
N TYR A 291 25.75 5.96 3.15
CA TYR A 291 25.43 6.66 1.91
C TYR A 291 26.10 8.03 1.96
N SER A 292 26.00 8.71 3.09
CA SER A 292 26.75 9.94 3.33
C SER A 292 28.22 9.77 3.12
N VAL A 293 28.79 8.64 3.54
CA VAL A 293 30.21 8.48 3.41
C VAL A 293 30.63 7.91 2.08
N GLU A 294 30.04 6.82 1.64
CA GLU A 294 30.50 6.14 0.45
C GLU A 294 29.93 6.71 -0.83
N VAL A 295 28.91 7.59 -0.75
CA VAL A 295 28.56 8.38 -1.96
C VAL A 295 28.60 9.91 -1.80
N GLU A 296 28.06 10.46 -0.74
CA GLU A 296 28.06 11.93 -0.59
C GLU A 296 29.35 12.59 -0.20
N LYS A 297 30.24 11.85 0.42
CA LYS A 297 31.52 12.40 0.76
C LYS A 297 32.61 11.76 -0.10
N LYS A 298 32.23 11.14 -1.21
CA LYS A 298 33.24 10.45 -1.99
C LYS A 298 33.54 11.22 -3.25
N PHE A 299 34.68 11.87 -3.27
CA PHE A 299 35.10 12.70 -4.41
C PHE A 299 35.00 12.01 -5.78
N PRO A 300 35.53 10.80 -5.98
CA PRO A 300 35.34 10.16 -7.29
C PRO A 300 33.87 9.99 -7.72
N VAL A 301 32.96 9.97 -6.78
CA VAL A 301 31.55 9.97 -7.14
C VAL A 301 30.99 11.39 -7.34
N VAL A 302 31.15 12.26 -6.34
CA VAL A 302 30.37 13.49 -6.37
C VAL A 302 30.97 14.56 -7.27
N GLN A 303 32.18 14.28 -7.72
CA GLN A 303 32.83 14.96 -8.82
C GLN A 303 31.87 15.31 -9.98
N HIS A 304 31.11 14.32 -10.45
CA HIS A 304 30.38 14.45 -11.72
C HIS A 304 28.92 14.82 -11.50
N PHE A 305 28.59 15.19 -10.26
CA PHE A 305 27.28 15.73 -10.02
C PHE A 305 27.34 17.25 -10.24
N TRP A 306 26.67 17.72 -11.28
CA TRP A 306 26.76 19.14 -11.64
C TRP A 306 25.62 19.94 -11.02
N PHE A 307 25.83 21.26 -10.88
CA PHE A 307 24.88 22.12 -10.16
C PHE A 307 24.38 23.29 -10.98
N GLY A 308 23.07 23.54 -10.90
CA GLY A 308 22.41 24.60 -11.67
C GLY A 308 22.07 25.64 -10.64
N THR A 309 21.14 26.53 -10.93
CA THR A 309 20.73 27.52 -9.91
C THR A 309 19.37 27.26 -9.27
N GLY A 310 18.54 26.42 -9.86
CA GLY A 310 17.19 26.19 -9.32
C GLY A 310 16.94 24.95 -8.48
N PHE A 311 17.32 23.78 -8.97
CA PHE A 311 17.05 22.57 -8.20
C PHE A 311 18.08 22.32 -7.09
N PHE A 312 19.35 22.20 -7.44
CA PHE A 312 20.39 21.85 -6.49
C PHE A 312 21.53 22.87 -6.59
N PRO A 313 21.35 24.06 -5.99
CA PRO A 313 22.33 25.16 -6.19
C PRO A 313 23.64 25.04 -5.42
N TRP A 314 24.71 25.60 -5.96
CA TRP A 314 25.96 25.65 -5.21
C TRP A 314 25.99 26.88 -4.29
N VAL A 315 25.19 26.86 -3.20
CA VAL A 315 25.16 27.95 -2.21
C VAL A 315 25.24 27.38 -0.80
N ASN A 316 25.75 28.15 0.15
CA ASN A 316 25.79 27.80 1.59
C ASN A 316 24.41 27.91 2.33
N ILE A 317 24.26 27.14 3.41
CA ILE A 317 23.17 27.23 4.42
C ILE A 317 22.13 26.19 4.09
N SER B 2 -9.42 -27.71 8.29
CA SER B 2 -8.74 -26.83 7.30
C SER B 2 -9.27 -25.40 7.35
N LEU B 3 -8.41 -24.47 7.79
CA LEU B 3 -8.88 -23.12 8.11
C LEU B 3 -8.96 -22.19 6.91
N ASP B 4 -8.02 -22.29 5.97
CA ASP B 4 -7.96 -21.34 4.86
C ASP B 4 -8.63 -21.85 3.58
N ARG B 5 -9.27 -23.01 3.67
CA ARG B 5 -9.74 -23.70 2.46
C ARG B 5 -11.01 -24.54 2.65
N VAL B 6 -12.00 -24.27 1.80
CA VAL B 6 -13.05 -25.24 1.54
C VAL B 6 -12.42 -26.31 0.62
N ASP B 7 -12.78 -27.58 0.79
CA ASP B 7 -12.31 -28.67 -0.10
C ASP B 7 -13.20 -28.79 -1.35
N TRP B 8 -13.23 -27.71 -2.14
CA TRP B 8 -14.00 -27.66 -3.37
C TRP B 8 -13.07 -28.45 -4.28
N PRO B 9 -13.62 -29.29 -5.22
CA PRO B 9 -15.03 -29.45 -5.65
C PRO B 9 -15.87 -30.44 -4.85
N HIS B 10 -15.37 -30.94 -3.74
CA HIS B 10 -16.06 -31.98 -3.00
C HIS B 10 -17.13 -31.54 -2.04
N ALA B 11 -16.94 -30.39 -1.41
CA ALA B 11 -17.85 -29.96 -0.36
C ALA B 11 -19.26 -29.69 -0.92
N THR B 12 -20.28 -29.91 -0.07
CA THR B 12 -21.69 -29.66 -0.40
C THR B 12 -22.14 -28.37 0.24
N PHE B 13 -22.86 -27.55 -0.53
CA PHE B 13 -23.27 -26.20 -0.12
C PHE B 13 -24.80 -26.05 -0.03
N SER B 14 -25.30 -25.77 1.16
CA SER B 14 -26.75 -25.77 1.38
C SER B 14 -27.15 -24.51 2.14
N THR B 15 -28.42 -24.13 2.05
CA THR B 15 -28.87 -22.92 2.72
C THR B 15 -28.39 -22.97 4.13
N PRO B 16 -27.75 -21.90 4.60
CA PRO B 16 -27.49 -21.80 6.03
C PRO B 16 -28.78 -21.95 6.90
N VAL B 17 -28.58 -22.43 8.14
CA VAL B 17 -29.66 -22.91 9.02
C VAL B 17 -29.25 -22.52 10.41
N LYS B 18 -30.22 -22.12 11.22
CA LYS B 18 -29.90 -21.58 12.52
C LYS B 18 -29.34 -22.68 13.42
N ARG B 19 -28.33 -22.33 14.23
CA ARG B 19 -27.71 -23.24 15.18
C ARG B 19 -27.54 -22.72 16.60
N ILE B 20 -27.65 -21.41 16.80
CA ILE B 20 -27.36 -20.82 18.10
C ILE B 20 -28.66 -20.31 18.72
N PHE B 21 -29.07 -20.99 19.79
CA PHE B 21 -30.45 -20.88 20.29
C PHE B 21 -30.57 -20.30 21.66
N ASP B 22 -29.74 -20.82 22.56
CA ASP B 22 -29.67 -20.35 23.94
C ASP B 22 -28.24 -19.96 24.39
N THR B 23 -27.55 -20.80 25.16
CA THR B 23 -26.33 -20.36 25.83
C THR B 23 -25.31 -21.49 26.09
N GLN B 24 -25.79 -22.72 26.17
CA GLN B 24 -24.92 -23.87 25.95
C GLN B 24 -24.55 -23.87 24.44
N THR B 25 -25.35 -23.14 23.66
CA THR B 25 -25.27 -23.23 22.19
C THR B 25 -24.27 -22.23 21.68
N THR B 26 -24.45 -20.98 22.09
CA THR B 26 -23.41 -19.97 22.00
C THR B 26 -22.04 -20.56 22.36
N LEU B 27 -21.98 -21.34 23.44
CA LEU B 27 -20.73 -21.93 23.91
C LEU B 27 -20.25 -23.06 23.06
N ASP B 28 -21.16 -23.81 22.43
CA ASP B 28 -20.71 -24.84 21.48
C ASP B 28 -20.03 -24.19 20.29
N PHE B 29 -20.61 -23.09 19.82
CA PHE B 29 -20.06 -22.30 18.71
C PHE B 29 -18.52 -22.06 18.82
N GLN B 30 -18.05 -21.87 20.05
CA GLN B 30 -16.61 -21.62 20.34
C GLN B 30 -15.62 -22.72 19.93
N SER B 31 -16.10 -23.93 19.68
CA SER B 31 -15.24 -25.04 19.19
C SER B 31 -15.70 -25.59 17.85
N SER B 32 -16.62 -24.87 17.22
CA SER B 32 -17.09 -25.16 15.88
C SER B 32 -15.99 -24.86 14.83
N LEU B 33 -16.05 -25.60 13.73
CA LEU B 33 -15.24 -25.31 12.56
C LEU B 33 -15.49 -23.83 12.17
N ALA B 34 -16.77 -23.43 12.25
CA ALA B 34 -17.25 -22.07 11.94
C ALA B 34 -16.37 -20.95 12.51
N ILE B 35 -16.18 -20.96 13.84
CA ILE B 35 -15.52 -19.90 14.56
C ILE B 35 -14.00 -19.85 14.33
N HIS B 36 -13.41 -21.01 14.00
CA HIS B 36 -11.98 -21.02 13.75
C HIS B 36 -11.66 -20.53 12.35
N ARG B 37 -12.66 -20.61 11.45
CA ARG B 37 -12.57 -20.02 10.13
C ARG B 37 -12.83 -18.52 10.18
N ILE B 38 -13.69 -18.09 11.10
CA ILE B 38 -13.97 -16.65 11.28
C ILE B 38 -12.78 -15.96 11.95
N LYS B 39 -12.23 -16.58 13.01
CA LYS B 39 -11.09 -16.01 13.75
C LYS B 39 -9.80 -16.02 12.89
N TYR B 40 -9.60 -17.08 12.12
CA TYR B 40 -8.48 -17.11 11.18
C TYR B 40 -8.53 -15.93 10.19
N HIS B 41 -9.68 -15.67 9.61
CA HIS B 41 -9.78 -14.57 8.65
C HIS B 41 -9.83 -13.20 9.32
N LEU B 42 -10.58 -13.07 10.38
CA LEU B 42 -10.46 -11.88 11.17
C LEU B 42 -9.00 -11.50 11.33
N HIS B 43 -8.16 -12.44 11.76
CA HIS B 43 -6.74 -12.16 12.04
C HIS B 43 -5.91 -11.96 10.81
N LYS B 44 -6.28 -12.61 9.71
CA LYS B 44 -5.52 -12.45 8.47
C LYS B 44 -5.72 -11.06 7.85
N TYR B 45 -6.93 -10.54 7.99
CA TYR B 45 -7.33 -9.33 7.30
C TYR B 45 -6.76 -8.21 8.10
N THR B 46 -6.70 -8.43 9.41
CA THR B 46 -6.13 -7.43 10.27
C THR B 46 -4.65 -7.30 10.06
N THR B 47 -3.92 -8.43 10.04
CA THR B 47 -2.50 -8.37 9.75
C THR B 47 -2.27 -7.71 8.40
N LEU B 48 -3.07 -8.06 7.39
CA LEU B 48 -2.83 -7.50 6.03
C LEU B 48 -3.06 -5.98 6.03
N ILE B 49 -4.10 -5.55 6.73
CA ILE B 49 -4.46 -4.13 6.72
C ILE B 49 -3.33 -3.31 7.34
N SER B 50 -2.54 -3.95 8.23
CA SER B 50 -1.46 -3.21 8.87
C SER B 50 -0.31 -2.89 7.91
N HIS B 51 -0.33 -3.48 6.71
CA HIS B 51 0.59 -3.18 5.62
C HIS B 51 0.15 -1.97 4.82
N CYS B 52 -1.11 -1.56 4.98
CA CYS B 52 -1.72 -0.46 4.24
C CYS B 52 -2.01 0.76 5.12
N SER B 53 -0.98 1.49 5.54
CA SER B 53 -1.17 2.69 6.40
C SER B 53 -1.68 3.88 5.60
N ASP B 54 -1.50 3.79 4.28
CA ASP B 54 -1.72 4.93 3.34
C ASP B 54 -2.35 4.51 2.00
N PRO B 55 -3.60 4.03 2.03
CA PRO B 55 -4.15 3.52 0.78
C PRO B 55 -4.50 4.68 -0.14
N ASP B 56 -4.61 4.39 -1.42
CA ASP B 56 -5.07 5.39 -2.36
C ASP B 56 -6.58 5.50 -2.28
N PRO B 57 -7.08 6.65 -1.80
CA PRO B 57 -8.53 6.88 -1.71
C PRO B 57 -9.24 7.05 -3.08
N HIS B 58 -8.47 7.26 -4.17
CA HIS B 58 -8.99 7.28 -5.57
C HIS B 58 -8.87 5.95 -6.30
N ALA B 59 -8.33 4.96 -5.60
CA ALA B 59 -8.23 3.62 -6.15
C ALA B 59 -9.63 3.06 -6.25
N THR B 60 -9.80 2.28 -7.29
CA THR B 60 -11.11 1.92 -7.68
C THR B 60 -11.09 0.46 -8.12
N ALA B 61 -9.91 -0.12 -8.17
CA ALA B 61 -9.80 -1.47 -8.66
C ALA B 61 -8.57 -2.13 -8.08
N SER B 62 -8.39 -3.38 -8.46
CA SER B 62 -7.33 -4.17 -7.91
C SER B 62 -6.87 -5.14 -9.01
N SER B 63 -5.71 -5.74 -8.87
CA SER B 63 -5.31 -6.71 -9.86
C SER B 63 -6.00 -8.04 -9.60
N ILE B 64 -6.42 -8.28 -8.37
CA ILE B 64 -7.16 -9.51 -8.09
C ILE B 64 -8.60 -9.44 -8.70
N ALA B 65 -8.85 -10.19 -9.77
CA ALA B 65 -10.09 -10.14 -10.53
C ALA B 65 -11.32 -10.27 -9.66
N MET B 66 -11.27 -11.11 -8.65
CA MET B 66 -12.44 -11.27 -7.88
C MET B 66 -12.74 -10.11 -6.96
N VAL B 67 -11.70 -9.40 -6.46
CA VAL B 67 -12.02 -8.19 -5.67
C VAL B 67 -12.81 -7.22 -6.54
N ASN B 68 -12.37 -6.95 -7.76
CA ASN B 68 -13.23 -6.15 -8.65
C ASN B 68 -14.66 -6.71 -8.85
N GLY B 69 -14.78 -8.05 -8.81
CA GLY B 69 -16.07 -8.71 -8.98
C GLY B 69 -16.99 -8.39 -7.82
N LEU B 70 -16.55 -8.68 -6.60
CA LEU B 70 -17.32 -8.33 -5.40
C LEU B 70 -17.67 -6.83 -5.35
N MET B 71 -16.71 -5.99 -5.75
CA MET B 71 -16.94 -4.56 -5.89
C MET B 71 -18.11 -4.18 -6.85
N GLY B 72 -18.12 -4.71 -8.08
CA GLY B 72 -19.23 -4.57 -9.01
C GLY B 72 -20.53 -5.02 -8.37
N VAL B 73 -20.55 -6.18 -7.73
CA VAL B 73 -21.74 -6.58 -7.00
C VAL B 73 -22.17 -5.51 -6.00
N LEU B 74 -21.26 -5.05 -5.16
CA LEU B 74 -21.59 -4.04 -4.15
C LEU B 74 -22.09 -2.80 -4.82
N ASP B 75 -21.54 -2.44 -5.98
CA ASP B 75 -22.04 -1.26 -6.71
C ASP B 75 -23.47 -1.34 -7.18
N LYS B 76 -23.88 -2.54 -7.59
CA LYS B 76 -25.25 -2.78 -7.96
C LYS B 76 -26.24 -2.74 -6.78
N LEU B 77 -25.79 -3.16 -5.58
CA LEU B 77 -26.58 -2.95 -4.34
C LEU B 77 -26.77 -1.50 -4.09
N ALA B 78 -25.75 -0.71 -4.36
CA ALA B 78 -25.79 0.73 -4.16
C ALA B 78 -26.77 1.43 -5.13
N HIS B 79 -26.69 1.12 -6.43
CA HIS B 79 -27.55 1.76 -7.41
C HIS B 79 -28.97 1.37 -7.13
N LEU B 80 -29.13 0.20 -6.53
CA LEU B 80 -30.45 -0.31 -6.20
C LEU B 80 -31.08 0.58 -5.11
N ILE B 81 -30.24 1.34 -4.39
CA ILE B 81 -30.72 2.31 -3.44
C ILE B 81 -31.40 3.42 -4.24
N ASP B 82 -30.76 3.91 -5.31
CA ASP B 82 -31.39 4.95 -6.14
C ASP B 82 -32.78 4.58 -6.64
N GLU B 83 -32.98 3.30 -6.97
CA GLU B 83 -34.25 2.78 -7.50
C GLU B 83 -35.27 2.54 -6.41
N THR B 84 -34.87 2.69 -5.14
CA THR B 84 -35.75 2.48 -3.99
C THR B 84 -35.71 3.69 -3.03
N PRO B 85 -36.12 4.87 -3.50
CA PRO B 85 -35.95 6.00 -2.58
C PRO B 85 -36.81 5.84 -1.30
N PRO B 86 -36.44 6.59 -0.23
CA PRO B 86 -37.24 6.61 1.00
C PRO B 86 -38.69 7.08 0.73
N LEU B 87 -39.64 6.53 1.48
CA LEU B 87 -41.06 6.87 1.31
C LEU B 87 -41.38 8.22 1.95
N PRO B 88 -42.05 9.13 1.22
CA PRO B 88 -42.46 10.39 1.86
C PRO B 88 -43.59 10.14 2.86
N GLY B 89 -43.74 11.00 3.85
CA GLY B 89 -44.85 10.76 4.75
C GLY B 89 -44.54 9.74 5.85
N PRO B 90 -45.54 9.46 6.70
CA PRO B 90 -45.26 9.10 8.09
C PRO B 90 -44.38 7.87 8.25
N ARG B 91 -43.27 8.01 9.01
CA ARG B 91 -42.34 6.93 9.35
C ARG B 91 -42.24 6.85 10.89
N ARG B 92 -42.14 5.64 11.45
CA ARG B 92 -42.01 5.47 12.90
C ARG B 92 -40.53 5.64 13.34
N TYR B 93 -39.60 4.91 12.72
CA TYR B 93 -38.18 5.37 12.58
C TYR B 93 -37.44 4.79 11.40
N GLY B 94 -37.20 3.48 11.38
CA GLY B 94 -36.72 2.83 10.16
C GLY B 94 -37.69 3.10 9.00
N ASN B 95 -37.16 3.55 7.89
CA ASN B 95 -37.98 3.83 6.71
C ASN B 95 -38.32 2.51 6.00
N LEU B 96 -39.59 2.32 5.63
CA LEU B 96 -40.05 1.04 5.05
C LEU B 96 -39.69 0.86 3.57
N ALA B 97 -39.23 1.90 2.89
CA ALA B 97 -38.48 1.69 1.64
C ALA B 97 -37.37 0.63 1.87
N CYS B 98 -36.84 0.59 3.09
CA CYS B 98 -35.87 -0.42 3.47
C CYS B 98 -36.32 -1.92 3.28
N ARG B 99 -37.54 -2.27 3.69
CA ARG B 99 -38.03 -3.65 3.51
C ARG B 99 -38.02 -4.01 2.03
N GLU B 100 -38.41 -3.02 1.22
CA GLU B 100 -38.50 -3.10 -0.21
C GLU B 100 -37.11 -3.18 -0.85
N TRP B 101 -36.14 -2.48 -0.26
CA TRP B 101 -34.77 -2.62 -0.72
C TRP B 101 -34.29 -4.07 -0.51
N HIS B 102 -34.64 -4.67 0.62
CA HIS B 102 -34.33 -6.07 0.90
C HIS B 102 -35.06 -7.08 0.02
N HIS B 103 -36.28 -6.77 -0.41
CA HIS B 103 -37.05 -7.69 -1.27
C HIS B 103 -36.44 -7.70 -2.65
N LYS B 104 -36.16 -6.52 -3.20
CA LYS B 104 -35.51 -6.39 -4.51
C LYS B 104 -34.13 -7.04 -4.56
N LEU B 105 -33.40 -6.92 -3.45
CA LEU B 105 -32.12 -7.56 -3.26
C LEU B 105 -32.22 -9.10 -3.31
N ASP B 106 -33.10 -9.64 -2.48
CA ASP B 106 -33.31 -11.08 -2.33
C ASP B 106 -33.44 -11.76 -3.67
N GLU B 107 -34.09 -11.04 -4.59
CA GLU B 107 -34.33 -11.47 -5.94
C GLU B 107 -33.19 -11.27 -6.91
N ARG B 108 -32.47 -10.14 -6.84
CA ARG B 108 -31.46 -9.89 -7.86
C ARG B 108 -30.16 -10.57 -7.52
N LEU B 109 -29.88 -10.64 -6.23
CA LEU B 109 -28.58 -11.06 -5.75
C LEU B 109 -28.15 -12.37 -6.34
N PRO B 110 -29.07 -13.37 -6.41
CA PRO B 110 -28.60 -14.67 -6.93
C PRO B 110 -28.09 -14.58 -8.36
N GLN B 111 -28.72 -13.78 -9.21
CA GLN B 111 -28.18 -13.65 -10.55
C GLN B 111 -26.90 -12.83 -10.62
N TRP B 112 -26.81 -11.74 -9.85
CA TRP B 112 -25.59 -10.93 -9.84
C TRP B 112 -24.42 -11.71 -9.33
N LEU B 113 -24.65 -12.60 -8.37
CA LEU B 113 -23.61 -13.51 -7.88
C LEU B 113 -23.22 -14.52 -8.95
N GLN B 114 -24.15 -14.87 -9.84
CA GLN B 114 -23.79 -15.80 -10.90
C GLN B 114 -22.89 -15.11 -11.95
N GLU B 115 -23.10 -13.82 -12.12
CA GLU B 115 -22.31 -13.03 -13.02
C GLU B 115 -20.92 -12.72 -12.47
N MET B 116 -20.80 -12.63 -11.17
CA MET B 116 -19.46 -12.40 -10.61
C MET B 116 -18.61 -13.71 -10.68
N LEU B 117 -19.28 -14.85 -10.47
CA LEU B 117 -18.62 -16.15 -10.29
C LEU B 117 -18.48 -16.91 -11.61
N PRO B 118 -17.32 -17.53 -11.87
CA PRO B 118 -17.30 -18.56 -12.92
C PRO B 118 -18.44 -19.59 -12.72
N SER B 119 -18.95 -20.21 -13.77
CA SER B 119 -20.09 -21.15 -13.53
C SER B 119 -19.76 -22.50 -12.86
N GLU B 120 -18.48 -22.90 -12.86
CA GLU B 120 -17.98 -24.02 -12.06
C GLU B 120 -18.34 -23.85 -10.58
N TYR B 121 -18.41 -22.59 -10.12
CA TYR B 121 -18.74 -22.25 -8.74
C TYR B 121 -20.22 -21.94 -8.42
N HIS B 122 -21.13 -22.16 -9.36
CA HIS B 122 -22.53 -21.75 -9.10
C HIS B 122 -23.25 -22.45 -7.95
N GLU B 123 -22.73 -23.57 -7.49
CA GLU B 123 -23.34 -24.32 -6.41
C GLU B 123 -23.10 -23.65 -5.05
N VAL B 124 -22.19 -22.71 -5.03
CA VAL B 124 -21.79 -22.00 -3.81
C VAL B 124 -22.81 -20.92 -3.39
N VAL B 125 -23.53 -20.44 -4.39
CA VAL B 125 -24.39 -19.28 -4.28
C VAL B 125 -25.50 -19.28 -3.22
N PRO B 126 -26.26 -20.40 -3.04
CA PRO B 126 -27.16 -20.50 -1.86
C PRO B 126 -26.54 -20.09 -0.49
N GLU B 127 -25.31 -20.51 -0.19
CA GLU B 127 -24.68 -20.05 1.05
C GLU B 127 -24.19 -18.61 0.88
N LEU B 128 -23.46 -18.35 -0.18
CA LEU B 128 -22.92 -17.03 -0.42
C LEU B 128 -23.98 -15.92 -0.42
N GLN B 129 -25.15 -16.13 -1.02
CA GLN B 129 -26.22 -15.15 -0.94
C GLN B 129 -26.76 -14.99 0.44
N TYR B 130 -26.62 -16.00 1.28
CA TYR B 130 -27.11 -15.83 2.64
C TYR B 130 -26.23 -14.81 3.41
N TYR B 131 -24.91 -14.94 3.29
CA TYR B 131 -24.01 -14.08 4.06
C TYR B 131 -23.99 -12.65 3.58
N LEU B 132 -24.02 -12.48 2.26
CA LEU B 132 -24.04 -11.15 1.68
C LEU B 132 -25.40 -10.50 1.91
N GLY B 133 -26.48 -11.27 1.76
CA GLY B 133 -27.86 -10.74 1.97
C GLY B 133 -28.14 -10.30 3.41
N ASN B 134 -27.53 -10.98 4.38
CA ASN B 134 -27.69 -10.60 5.78
C ASN B 134 -26.58 -9.62 6.29
N SER B 135 -25.73 -9.09 5.40
CA SER B 135 -24.72 -8.16 5.92
C SER B 135 -25.05 -6.67 5.82
N PHE B 136 -26.32 -6.34 5.54
CA PHE B 136 -26.74 -4.96 5.41
C PHE B 136 -27.84 -4.59 6.37
N GLY B 137 -28.02 -5.40 7.40
CA GLY B 137 -29.05 -5.10 8.41
C GLY B 137 -30.29 -5.97 8.30
N SER B 138 -31.19 -5.87 9.28
CA SER B 138 -32.39 -6.70 9.20
C SER B 138 -33.64 -5.96 8.64
N SER B 139 -34.29 -6.60 7.65
CA SER B 139 -35.51 -6.09 6.99
C SER B 139 -36.74 -6.04 7.90
N THR B 140 -36.88 -7.02 8.80
CA THR B 140 -38.02 -7.02 9.71
C THR B 140 -37.88 -5.96 10.82
N ARG B 141 -36.73 -5.88 11.48
CA ARG B 141 -36.50 -4.87 12.53
C ARG B 141 -36.02 -3.48 12.08
N LEU B 142 -35.57 -3.34 10.83
CA LEU B 142 -35.04 -2.06 10.29
C LEU B 142 -33.90 -1.50 11.15
N ASP B 143 -32.97 -2.38 11.51
CA ASP B 143 -31.82 -2.03 12.36
C ASP B 143 -30.51 -2.58 11.73
N TYR B 144 -29.35 -2.15 12.26
CA TYR B 144 -28.06 -2.64 11.82
C TYR B 144 -27.08 -2.65 12.98
N GLY B 145 -26.35 -3.75 13.14
CA GLY B 145 -25.23 -3.80 14.05
C GLY B 145 -24.10 -4.77 13.69
N THR B 146 -23.35 -5.14 14.72
CA THR B 146 -22.14 -5.92 14.57
C THR B 146 -22.35 -7.30 13.96
N GLY B 147 -23.51 -7.88 14.21
CA GLY B 147 -23.91 -9.17 13.60
C GLY B 147 -23.93 -9.12 12.08
N HIS B 148 -24.36 -8.02 11.48
CA HIS B 148 -24.38 -7.82 10.00
C HIS B 148 -23.02 -7.52 9.42
N GLU B 149 -22.24 -6.67 10.11
CA GLU B 149 -20.83 -6.48 9.81
C GLU B 149 -20.08 -7.80 9.81
N LEU B 150 -20.45 -8.67 10.73
CA LEU B 150 -19.83 -9.99 10.84
C LEU B 150 -20.12 -10.79 9.58
N SER B 151 -21.33 -10.68 9.02
CA SER B 151 -21.51 -11.49 7.84
C SER B 151 -20.94 -10.91 6.55
N PHE B 152 -20.78 -9.60 6.46
CA PHE B 152 -19.97 -9.10 5.39
C PHE B 152 -18.56 -9.70 5.45
N MET B 153 -17.96 -9.77 6.62
CA MET B 153 -16.65 -10.44 6.71
C MET B 153 -16.62 -11.97 6.44
N ALA B 154 -17.65 -12.69 6.89
CA ALA B 154 -17.83 -14.08 6.51
C ALA B 154 -17.93 -14.17 4.99
N THR B 155 -18.68 -13.26 4.36
CA THR B 155 -18.77 -13.19 2.89
C THR B 155 -17.39 -13.12 2.26
N VAL B 156 -16.57 -12.10 2.57
CA VAL B 156 -15.22 -12.08 1.98
C VAL B 156 -14.41 -13.30 2.45
N ALA B 157 -14.74 -13.84 3.61
CA ALA B 157 -13.97 -15.01 4.03
C ALA B 157 -14.36 -16.22 3.21
N ALA B 158 -15.62 -16.31 2.79
CA ALA B 158 -16.08 -17.42 1.94
C ALA B 158 -15.38 -17.44 0.57
N LEU B 159 -15.29 -16.29 -0.10
CA LEU B 159 -14.57 -16.22 -1.38
C LEU B 159 -13.09 -16.55 -1.24
N ASP B 160 -12.52 -16.25 -0.07
CA ASP B 160 -11.08 -16.40 0.15
C ASP B 160 -10.85 -17.91 0.27
N MET B 161 -11.79 -18.60 0.90
CA MET B 161 -11.65 -20.05 1.09
C MET B 161 -11.83 -20.83 -0.21
N LEU B 162 -12.46 -20.20 -1.20
CA LEU B 162 -12.51 -20.78 -2.54
C LEU B 162 -11.17 -20.59 -3.25
N GLY B 163 -10.33 -19.71 -2.72
CA GLY B 163 -9.05 -19.40 -3.33
C GLY B 163 -9.12 -18.30 -4.36
N MET B 164 -10.00 -17.31 -4.15
CA MET B 164 -10.27 -16.25 -5.15
C MET B 164 -9.46 -14.96 -4.94
N PHE B 165 -8.78 -14.89 -3.82
CA PHE B 165 -7.96 -13.76 -3.51
C PHE B 165 -6.49 -14.21 -3.34
N PRO B 166 -5.89 -14.79 -4.39
CA PRO B 166 -4.65 -15.55 -4.21
C PRO B 166 -3.49 -14.78 -3.55
N HIS B 167 -3.19 -13.53 -3.90
CA HIS B 167 -2.11 -12.82 -3.14
C HIS B 167 -2.69 -11.54 -2.54
N HIS B 168 -3.72 -11.75 -1.77
CA HIS B 168 -4.51 -10.71 -1.12
C HIS B 168 -3.59 -9.75 -0.47
N ARG B 169 -3.73 -8.46 -0.78
CA ARG B 169 -2.98 -7.44 -0.07
C ARG B 169 -3.85 -6.52 0.83
N GLY B 170 -3.23 -5.94 1.86
CA GLY B 170 -3.99 -5.06 2.75
C GLY B 170 -4.75 -3.99 2.00
N ALA B 171 -4.13 -3.45 0.94
CA ALA B 171 -4.83 -2.56 0.00
C ALA B 171 -6.16 -3.12 -0.50
N ASP B 172 -6.19 -4.41 -0.86
CA ASP B 172 -7.43 -5.12 -1.24
C ASP B 172 -8.48 -5.20 -0.12
N VAL B 173 -8.08 -5.42 1.13
CA VAL B 173 -9.08 -5.38 2.23
C VAL B 173 -9.59 -3.95 2.46
N PHE B 174 -8.72 -2.94 2.34
CA PHE B 174 -9.19 -1.59 2.43
C PHE B 174 -10.26 -1.29 1.40
N LEU B 175 -10.04 -1.68 0.16
CA LEU B 175 -10.93 -1.40 -0.96
C LEU B 175 -12.36 -1.95 -0.78
N LEU B 176 -12.46 -3.21 -0.39
CA LEU B 176 -13.73 -3.93 -0.24
C LEU B 176 -14.43 -3.37 0.94
N PHE B 177 -13.70 -3.22 2.05
CA PHE B 177 -14.36 -2.79 3.26
C PHE B 177 -14.71 -1.33 3.21
N ASN B 178 -13.88 -0.50 2.62
CA ASN B 178 -14.22 0.89 2.43
C ASN B 178 -15.45 1.08 1.51
N LYS B 179 -15.52 0.27 0.46
CA LYS B 179 -16.71 0.22 -0.34
C LYS B 179 -17.88 -0.12 0.55
N TYR B 180 -17.81 -1.25 1.26
CA TYR B 180 -18.88 -1.71 2.11
C TYR B 180 -19.39 -0.70 3.13
N TYR B 181 -18.47 -0.01 3.80
CA TYR B 181 -18.82 0.99 4.83
C TYR B 181 -19.46 2.22 4.21
N THR B 182 -19.04 2.52 2.99
CA THR B 182 -19.65 3.63 2.30
C THR B 182 -21.10 3.32 2.03
N ILE B 183 -21.40 2.12 1.52
CA ILE B 183 -22.79 1.72 1.32
C ILE B 183 -23.53 1.71 2.66
N MET B 184 -22.96 1.11 3.70
CA MET B 184 -23.61 1.05 5.04
C MET B 184 -24.02 2.40 5.60
N ARG B 185 -23.13 3.39 5.46
CA ARG B 185 -23.44 4.73 5.90
C ARG B 185 -24.61 5.36 5.11
N ARG B 186 -24.69 5.12 3.80
CA ARG B 186 -25.82 5.62 3.01
C ARG B 186 -27.09 4.92 3.37
N LEU B 187 -27.05 3.63 3.68
CA LEU B 187 -28.26 2.93 4.09
C LEU B 187 -28.74 3.39 5.45
N ILE B 188 -27.82 3.59 6.38
CA ILE B 188 -28.21 4.06 7.68
C ILE B 188 -28.91 5.44 7.60
N LEU B 189 -28.38 6.35 6.78
CA LEU B 189 -28.97 7.68 6.72
C LEU B 189 -30.19 7.73 5.79
N THR B 190 -30.08 7.03 4.65
CA THR B 190 -31.10 7.08 3.62
C THR B 190 -32.40 6.47 4.13
N TYR B 191 -32.30 5.35 4.83
CA TYR B 191 -33.45 4.78 5.50
C TYR B 191 -33.32 5.29 6.90
N THR B 192 -34.03 4.82 7.90
CA THR B 192 -33.48 5.41 9.14
C THR B 192 -33.21 4.35 10.13
N LEU B 193 -32.13 3.62 9.89
CA LEU B 193 -31.90 2.39 10.60
C LEU B 193 -31.52 2.73 12.03
N GLU B 194 -32.07 1.95 12.98
CA GLU B 194 -31.67 2.01 14.38
C GLU B 194 -30.46 1.13 14.65
N PRO B 195 -29.79 1.38 15.78
CA PRO B 195 -28.84 0.40 16.32
C PRO B 195 -29.57 -0.88 16.69
N ALA B 196 -28.89 -2.03 16.69
CA ALA B 196 -29.53 -3.27 17.11
C ALA B 196 -29.14 -3.65 18.53
N GLY B 197 -28.03 -3.08 19.01
CA GLY B 197 -27.45 -3.41 20.34
C GLY B 197 -27.99 -2.61 21.53
N SER B 198 -27.26 -1.54 21.89
CA SER B 198 -27.66 -0.53 22.90
C SER B 198 -29.16 -0.14 22.84
N GLY B 203 -22.15 -0.05 24.88
CA GLY B 203 -21.60 -0.54 23.60
C GLY B 203 -20.48 0.32 23.00
N LEU B 204 -19.56 -0.29 22.23
CA LEU B 204 -18.48 0.44 21.51
C LEU B 204 -18.94 1.53 20.53
N ASP B 205 -19.99 1.25 19.75
CA ASP B 205 -20.42 2.09 18.66
C ASP B 205 -21.85 1.64 18.39
N ASP B 206 -22.76 2.52 18.07
CA ASP B 206 -24.11 2.11 17.69
C ASP B 206 -24.22 0.90 16.73
N HIS B 207 -23.28 0.79 15.78
CA HIS B 207 -23.41 -0.06 14.57
C HIS B 207 -22.20 -1.02 14.24
N PHE B 208 -20.96 -0.54 14.45
CA PHE B 208 -19.73 -1.22 14.00
C PHE B 208 -18.72 -1.56 15.11
N HIS B 209 -17.91 -2.58 14.87
CA HIS B 209 -16.76 -2.90 15.71
C HIS B 209 -15.55 -3.23 14.81
N LEU B 210 -15.76 -3.90 13.67
CA LEU B 210 -14.64 -4.12 12.76
C LEU B 210 -13.95 -2.86 12.22
N VAL B 211 -14.67 -1.77 11.94
CA VAL B 211 -13.93 -0.58 11.53
C VAL B 211 -12.76 -0.23 12.46
N TYR B 212 -12.95 -0.33 13.78
CA TYR B 212 -11.92 0.17 14.70
C TYR B 212 -10.77 -0.80 14.83
N ILE B 213 -11.06 -2.08 14.67
CA ILE B 213 -10.03 -3.11 14.65
C ILE B 213 -9.11 -2.81 13.45
N LEU B 214 -9.71 -2.74 12.28
CA LEU B 214 -8.98 -2.48 11.07
C LEU B 214 -8.22 -1.13 11.06
N GLY B 215 -8.87 -0.07 11.52
CA GLY B 215 -8.31 1.27 11.42
C GLY B 215 -7.13 1.45 12.37
N SER B 216 -7.20 0.74 13.49
CA SER B 216 -6.16 0.81 14.49
C SER B 216 -5.07 -0.05 13.92
N SER B 217 -5.42 -1.19 13.34
CA SER B 217 -4.42 -2.01 12.67
C SER B 217 -3.63 -1.28 11.59
N GLN B 218 -4.31 -0.50 10.74
CA GLN B 218 -3.66 0.26 9.65
C GLN B 218 -2.53 1.06 10.16
N TRP B 219 -2.53 1.43 11.44
CA TRP B 219 -1.47 2.31 11.97
C TRP B 219 -0.64 1.68 13.04
N GLN B 220 -0.85 0.39 13.35
CA GLN B 220 -0.06 -0.24 14.42
C GLN B 220 1.44 -0.41 14.17
N LEU B 221 1.85 -0.46 12.91
CA LEU B 221 3.25 -0.57 12.60
C LEU B 221 3.92 0.83 12.52
N LEU B 222 3.19 1.84 12.04
CA LEU B 222 3.73 3.22 12.02
C LEU B 222 4.04 3.63 13.45
N ASP B 223 3.20 3.19 14.39
CA ASP B 223 3.47 3.40 15.80
C ASP B 223 3.76 4.87 16.16
N ALA B 224 5.03 5.23 16.36
CA ALA B 224 5.39 6.62 16.71
C ALA B 224 5.28 7.60 15.54
N GLN B 225 5.30 7.10 14.30
CA GLN B 225 5.15 7.99 13.14
C GLN B 225 3.74 8.11 12.61
N ALA B 226 2.78 7.38 13.18
CA ALA B 226 1.35 7.53 12.84
C ALA B 226 1.08 9.04 12.72
N PRO B 227 0.36 9.46 11.66
CA PRO B 227 -0.07 10.86 11.53
C PRO B 227 -0.71 11.35 12.82
N LEU B 228 -1.47 10.46 13.48
CA LEU B 228 -2.09 10.72 14.81
C LEU B 228 -1.81 9.61 15.81
N GLN B 229 -1.80 9.97 17.08
CA GLN B 229 -1.86 8.98 18.16
C GLN B 229 -3.33 8.77 18.61
N PRO B 230 -3.63 7.61 19.23
CA PRO B 230 -4.99 7.30 19.74
C PRO B 230 -5.73 8.44 20.45
N ARG B 231 -5.04 9.23 21.27
CA ARG B 231 -5.70 10.28 22.01
C ARG B 231 -6.15 11.45 21.15
N GLU B 232 -5.58 11.56 19.95
CA GLU B 232 -5.82 12.73 19.08
C GLU B 232 -7.01 12.60 18.16
N ILE B 233 -7.68 11.45 18.23
CA ILE B 233 -8.87 11.20 17.45
C ILE B 233 -9.98 12.04 18.06
N LEU B 234 -9.72 12.52 19.26
CA LEU B 234 -10.67 13.36 19.96
C LEU B 234 -10.77 14.73 19.31
N ASP B 235 -9.93 14.96 18.30
CA ASP B 235 -9.90 16.23 17.60
C ASP B 235 -10.66 16.15 16.24
N LYS B 236 -11.78 16.84 16.22
CA LYS B 236 -12.82 16.70 15.21
C LYS B 236 -12.33 16.93 13.76
N SER B 237 -11.42 17.89 13.57
CA SER B 237 -11.03 18.26 12.22
C SER B 237 -9.82 17.47 11.74
N LEU B 238 -8.99 16.98 12.66
CA LEU B 238 -7.90 16.08 12.26
C LEU B 238 -8.48 14.79 11.74
N VAL B 239 -9.45 14.27 12.49
CA VAL B 239 -10.30 13.14 12.07
C VAL B 239 -10.94 13.40 10.71
N ARG B 240 -11.56 14.57 10.52
CA ARG B 240 -11.99 14.97 9.16
C ARG B 240 -10.89 14.70 8.09
N GLU B 241 -9.65 15.08 8.37
CA GLU B 241 -8.54 14.96 7.44
C GLU B 241 -8.23 13.55 6.97
N TYR B 242 -8.32 12.57 7.88
CA TYR B 242 -7.88 11.17 7.60
C TYR B 242 -9.02 10.17 7.40
N LYS B 243 -10.23 10.68 7.28
CA LYS B 243 -11.37 9.82 7.18
C LYS B 243 -11.41 9.14 5.84
N ASP B 244 -10.79 9.72 4.83
CA ASP B 244 -10.84 9.05 3.54
C ASP B 244 -9.83 7.93 3.44
N THR B 245 -8.95 7.85 4.43
CA THR B 245 -7.78 7.00 4.33
C THR B 245 -7.51 6.10 5.56
N ASN B 246 -8.26 6.27 6.65
CA ASN B 246 -8.07 5.46 7.85
C ASN B 246 -9.41 5.12 8.42
N PHE B 247 -9.64 3.85 8.70
CA PHE B 247 -10.95 3.42 9.12
C PHE B 247 -11.34 3.95 10.46
N TYR B 248 -10.38 4.02 11.35
CA TYR B 248 -10.67 4.50 12.70
C TYR B 248 -11.20 5.94 12.73
N CYS B 249 -10.59 6.85 11.95
CA CYS B 249 -11.10 8.23 11.79
C CYS B 249 -12.42 8.23 11.06
N GLN B 250 -12.61 7.23 10.21
CA GLN B 250 -13.80 7.10 9.40
C GLN B 250 -15.03 6.82 10.29
N GLY B 251 -14.83 5.96 11.28
CA GLY B 251 -15.87 5.62 12.22
C GLY B 251 -16.09 6.72 13.25
N ILE B 252 -15.02 7.39 13.67
CA ILE B 252 -15.14 8.42 14.68
C ILE B 252 -15.84 9.61 14.06
N ASN B 253 -15.50 9.92 12.82
CA ASN B 253 -16.05 11.07 12.16
C ASN B 253 -17.53 10.91 11.85
N PHE B 254 -17.92 9.70 11.52
CA PHE B 254 -19.29 9.41 11.35
C PHE B 254 -20.04 9.74 12.65
N ILE B 255 -19.60 9.16 13.77
CA ILE B 255 -20.11 9.53 15.10
C ILE B 255 -20.30 11.07 15.29
N ASN B 256 -19.29 11.89 14.98
CA ASN B 256 -19.36 13.35 15.18
C ASN B 256 -20.39 13.97 14.29
N GLU B 257 -20.73 13.30 13.19
CA GLU B 257 -21.67 13.84 12.22
C GLU B 257 -23.09 13.48 12.60
N VAL B 258 -23.22 12.44 13.40
CA VAL B 258 -24.53 11.90 13.71
C VAL B 258 -24.98 12.05 15.17
N LYS B 259 -24.06 12.41 16.06
CA LYS B 259 -24.41 12.67 17.48
C LYS B 259 -24.17 14.14 17.95
N MET B 260 -25.02 14.60 18.86
CA MET B 260 -25.04 16.03 19.27
C MET B 260 -23.94 16.38 20.31
N GLY B 261 -23.93 15.75 21.48
CA GLY B 261 -23.08 16.20 22.60
C GLY B 261 -21.54 16.20 22.49
N PRO B 262 -20.85 16.56 23.58
CA PRO B 262 -19.43 16.19 23.76
C PRO B 262 -19.18 14.66 23.72
N PHE B 263 -18.01 14.30 23.18
CA PHE B 263 -17.65 12.91 22.90
C PHE B 263 -17.70 11.95 24.11
N GLU B 264 -17.16 12.38 25.25
CA GLU B 264 -17.08 11.51 26.42
C GLU B 264 -18.44 11.02 26.91
N GLU B 265 -19.50 11.80 26.73
CA GLU B 265 -20.77 11.28 27.18
C GLU B 265 -21.60 10.49 26.16
N HIS B 266 -21.56 10.81 24.87
CA HIS B 266 -22.22 9.90 23.94
C HIS B 266 -21.42 8.60 23.68
N SER B 267 -20.09 8.66 23.76
CA SER B 267 -19.27 7.46 23.52
C SER B 267 -18.15 7.25 24.54
N PRO B 268 -18.51 6.85 25.76
CA PRO B 268 -17.42 6.76 26.74
C PRO B 268 -16.44 5.61 26.48
N ILE B 269 -16.88 4.49 25.89
CA ILE B 269 -15.93 3.37 25.63
C ILE B 269 -14.81 3.77 24.67
N LEU B 270 -15.15 4.50 23.62
CA LEU B 270 -14.13 5.04 22.71
C LEU B 270 -13.39 6.20 23.34
N TYR B 271 -14.04 6.92 24.26
CA TYR B 271 -13.34 7.94 25.00
C TYR B 271 -12.25 7.34 25.88
N ASP B 272 -12.60 6.34 26.71
CA ASP B 272 -11.64 5.72 27.63
C ASP B 272 -10.44 5.20 26.85
N ILE B 273 -10.71 4.44 25.79
CA ILE B 273 -9.66 3.86 24.94
C ILE B 273 -8.67 4.90 24.43
N ALA B 274 -9.20 5.99 23.88
CA ALA B 274 -8.40 7.04 23.30
C ALA B 274 -7.49 7.68 24.33
N VAL B 275 -7.95 7.79 25.56
CA VAL B 275 -7.31 8.61 26.60
C VAL B 275 -6.33 7.79 27.45
N THR B 276 -6.29 6.49 27.21
CA THR B 276 -5.85 5.52 28.22
C THR B 276 -4.97 4.43 27.65
N VAL B 277 -5.17 4.13 26.36
CA VAL B 277 -4.38 3.11 25.67
C VAL B 277 -3.58 3.90 24.62
N PRO B 278 -2.28 4.17 24.92
CA PRO B 278 -1.34 5.12 24.28
C PRO B 278 -0.72 4.72 22.91
N ARG B 279 -0.72 3.41 22.58
CA ARG B 279 -0.23 2.88 21.29
C ARG B 279 -1.28 2.18 20.44
N TRP B 280 -1.28 2.47 19.14
CA TRP B 280 -2.13 1.77 18.17
C TRP B 280 -2.09 0.22 18.24
N SER B 281 -0.96 -0.42 18.55
CA SER B 281 -0.95 -1.88 18.63
C SER B 281 -1.75 -2.41 19.82
N LYS B 282 -1.82 -1.58 20.88
CA LYS B 282 -2.59 -1.91 22.07
C LYS B 282 -4.08 -1.65 21.85
N VAL B 283 -4.40 -0.58 21.13
CA VAL B 283 -5.77 -0.32 20.76
C VAL B 283 -6.18 -1.56 19.96
N CYS B 284 -5.44 -1.83 18.89
CA CYS B 284 -5.88 -2.87 17.98
C CYS B 284 -6.13 -4.14 18.77
N LYS B 285 -5.10 -4.62 19.46
CA LYS B 285 -5.18 -5.89 20.23
C LYS B 285 -6.28 -5.93 21.31
N GLY B 286 -6.49 -4.83 22.03
CA GLY B 286 -7.64 -4.68 22.94
C GLY B 286 -8.94 -4.88 22.17
N LEU B 287 -9.08 -4.22 21.01
CA LEU B 287 -10.31 -4.33 20.22
C LEU B 287 -10.54 -5.77 19.76
N LEU B 288 -9.48 -6.52 19.50
CA LEU B 288 -9.65 -7.89 19.05
C LEU B 288 -10.17 -8.79 20.20
N LYS B 289 -9.61 -8.62 21.39
CA LYS B 289 -10.04 -9.40 22.53
C LYS B 289 -11.52 -9.09 22.77
N MET B 290 -11.87 -7.81 22.65
CA MET B 290 -13.22 -7.35 22.81
C MET B 290 -14.17 -7.84 21.71
N TYR B 291 -13.65 -8.17 20.54
CA TYR B 291 -14.51 -8.78 19.50
C TYR B 291 -14.96 -10.17 19.88
N SER B 292 -14.04 -10.95 20.43
CA SER B 292 -14.36 -12.26 21.01
C SER B 292 -15.42 -12.19 22.08
N VAL B 293 -15.44 -11.12 22.87
CA VAL B 293 -16.35 -11.06 24.00
C VAL B 293 -17.66 -10.42 23.58
N GLU B 294 -17.57 -9.20 23.04
CA GLU B 294 -18.76 -8.42 22.69
C GLU B 294 -19.56 -8.82 21.48
N VAL B 295 -19.02 -9.64 20.57
CA VAL B 295 -19.81 -10.03 19.40
C VAL B 295 -19.87 -11.56 19.28
N GLU B 296 -18.70 -12.15 19.38
CA GLU B 296 -18.47 -13.56 19.22
C GLU B 296 -18.97 -14.48 20.30
N LYS B 297 -19.06 -13.97 21.53
CA LYS B 297 -19.49 -14.77 22.67
C LYS B 297 -20.81 -14.25 23.21
N LYS B 298 -21.32 -13.17 22.62
CA LYS B 298 -22.63 -12.63 22.96
C LYS B 298 -23.75 -13.37 22.27
N PHE B 299 -24.51 -14.12 23.04
CA PHE B 299 -25.69 -14.80 22.47
C PHE B 299 -26.57 -13.87 21.60
N PRO B 300 -26.92 -12.66 22.09
CA PRO B 300 -27.83 -11.81 21.27
C PRO B 300 -27.30 -11.32 19.92
N VAL B 301 -25.98 -11.39 19.72
CA VAL B 301 -25.38 -10.92 18.47
C VAL B 301 -25.21 -12.09 17.51
N VAL B 302 -24.53 -13.15 17.95
CA VAL B 302 -24.19 -14.30 17.08
C VAL B 302 -25.38 -15.16 16.76
N GLN B 303 -26.48 -14.91 17.46
CA GLN B 303 -27.68 -15.71 17.37
C GLN B 303 -28.13 -15.83 15.92
N HIS B 304 -27.90 -14.78 15.15
CA HIS B 304 -28.42 -14.69 13.82
C HIS B 304 -27.34 -15.00 12.76
N PHE B 305 -26.22 -15.52 13.20
CA PHE B 305 -25.28 -16.12 12.28
C PHE B 305 -25.67 -17.57 12.08
N TRP B 306 -26.02 -17.91 10.84
CA TRP B 306 -26.50 -19.23 10.47
C TRP B 306 -25.42 -20.08 9.76
N PHE B 307 -25.51 -21.39 9.94
CA PHE B 307 -24.48 -22.32 9.51
C PHE B 307 -24.98 -23.20 8.36
N GLY B 308 -24.09 -23.40 7.40
CA GLY B 308 -24.39 -24.09 6.16
C GLY B 308 -23.54 -25.31 6.29
N THR B 309 -23.34 -26.05 5.18
CA THR B 309 -22.49 -27.26 5.19
C THR B 309 -21.14 -27.03 4.55
N GLY B 310 -20.94 -25.88 3.91
CA GLY B 310 -19.71 -25.65 3.15
C GLY B 310 -18.73 -24.64 3.73
N PHE B 311 -19.17 -23.42 3.98
CA PHE B 311 -18.26 -22.39 4.49
C PHE B 311 -18.02 -22.40 6.02
N PHE B 312 -19.11 -22.25 6.78
CA PHE B 312 -19.01 -22.17 8.23
C PHE B 312 -19.85 -23.28 8.79
N PRO B 313 -19.30 -24.49 8.84
CA PRO B 313 -20.06 -25.66 9.23
C PRO B 313 -20.21 -25.75 10.72
N TRP B 314 -21.39 -26.19 11.18
CA TRP B 314 -21.65 -26.49 12.59
C TRP B 314 -21.12 -27.88 12.95
N VAL B 315 -19.80 -28.01 13.02
CA VAL B 315 -19.10 -29.26 13.36
C VAL B 315 -17.94 -29.00 14.37
N ASN B 316 -17.62 -29.96 15.22
CA ASN B 316 -16.66 -29.76 16.31
C ASN B 316 -15.20 -29.78 15.90
N ILE B 317 -14.36 -29.44 16.89
CA ILE B 317 -12.88 -29.65 16.93
C ILE B 317 -12.22 -30.03 15.59
#